data_5XEM
#
_entry.id   5XEM
#
_cell.length_a   116.749
_cell.length_b   116.749
_cell.length_c   99.343
_cell.angle_alpha   90.00
_cell.angle_beta   90.00
_cell.angle_gamma   90.00
#
_symmetry.space_group_name_H-M   'P 43 21 2'
#
loop_
_entity.id
_entity.type
_entity.pdbx_description
1 polymer 'Cysteine synthase'
2 non-polymer '(2R)-2-azanyl-3-[(2R)-2-azanyl-3-oxidanyl-3-oxidanylidene-propyl]sulfanyl-propanoic acid'
3 non-polymer "PYRIDOXAL-5'-PHOSPHATE"
4 non-polymer 'ACETATE ION'
5 non-polymer 'CALCIUM ION'
6 non-polymer DI(HYDROXYETHYL)ETHER
7 non-polymer 2-(2-METHOXYETHOXY)ETHANOL
8 non-polymer 1-METHOXY-2-[2-(2-METHOXY-ETHOXY]-ETHANE
9 water water
#
_entity_poly.entity_id   1
_entity_poly.type   'polypeptide(L)'
_entity_poly.pdbx_seq_one_letter_code
;GPLGSLANSVIDLIGNTPLVKINNIDTFGNEIYVKLEGSNPGRSTKDRIALKMIEEAEKEGLIDKDTVIIEATSGNTGIG
LAMICAVKNYKLKIVMPDTMSIERIQLMRAYGTEVILTDGSLGMKACLEKLEELKKNEKKYFVPNQFTNVNNPKAHYETT
AEEILKDLNNKVDVFICGTGTGGSFSGTAKKLKEKLPNIKTFPVEPASSPLLSKGYIGPHKIQGMGMSIGGIPAVYDGSL
ADDILVCEDDDAFEMMRELSFKEGILGGISTGATFKAALDYSKENADKGLKIVVLSTDSGEKYLSNICDL
;
_entity_poly.pdbx_strand_id   A,B
#
# COMPACT_ATOMS: atom_id res chain seq x y z
N SER A 5 -7.98 -4.12 15.07
CA SER A 5 -6.66 -3.92 14.42
C SER A 5 -5.81 -2.82 15.11
N LEU A 6 -5.83 -2.77 16.46
CA LEU A 6 -4.87 -1.92 17.19
C LEU A 6 -3.47 -2.55 17.12
N ALA A 7 -2.46 -1.77 16.69
CA ALA A 7 -1.08 -2.28 16.58
C ALA A 7 -0.14 -1.43 17.42
N ASN A 8 0.84 -2.09 18.03
CA ASN A 8 1.85 -1.37 18.77
CA ASN A 8 1.88 -1.41 18.79
C ASN A 8 2.84 -0.68 17.87
N SER A 9 3.19 -1.30 16.76
CA SER A 9 3.97 -0.64 15.72
C SER A 9 3.62 -1.26 14.39
N VAL A 10 4.17 -0.67 13.33
CA VAL A 10 3.94 -1.25 11.99
C VAL A 10 4.43 -2.70 11.87
N ILE A 11 5.39 -3.08 12.71
CA ILE A 11 5.84 -4.48 12.71
C ILE A 11 4.68 -5.44 12.94
N ASP A 12 3.70 -5.03 13.73
CA ASP A 12 2.57 -5.91 14.00
C ASP A 12 1.62 -6.09 12.81
N LEU A 13 1.75 -5.25 11.79
CA LEU A 13 0.94 -5.39 10.58
C LEU A 13 1.49 -6.39 9.55
N ILE A 14 2.68 -6.92 9.80
CA ILE A 14 3.34 -7.85 8.88
C ILE A 14 2.59 -9.18 8.94
N GLY A 15 2.32 -9.73 7.77
CA GLY A 15 1.66 -11.01 7.63
C GLY A 15 0.16 -10.92 7.71
N ASN A 16 -0.48 -12.08 7.79
CA ASN A 16 -1.92 -12.16 7.74
C ASN A 16 -2.54 -11.40 6.57
N THR A 17 -1.96 -11.66 5.41
CA THR A 17 -2.36 -10.97 4.19
C THR A 17 -3.56 -11.67 3.57
N PRO A 18 -4.34 -10.94 2.80
CA PRO A 18 -5.54 -11.55 2.23
C PRO A 18 -5.30 -12.42 0.99
N LEU A 19 -6.20 -13.39 0.81
CA LEU A 19 -6.27 -14.24 -0.39
C LEU A 19 -7.51 -13.76 -1.14
N VAL A 20 -7.36 -13.40 -2.39
CA VAL A 20 -8.47 -12.86 -3.17
CA VAL A 20 -8.50 -12.90 -3.15
C VAL A 20 -8.77 -13.79 -4.34
N LYS A 21 -10.05 -14.06 -4.57
CA LYS A 21 -10.44 -14.89 -5.71
C LYS A 21 -10.46 -14.08 -6.98
N ILE A 22 -10.06 -14.68 -8.09
CA ILE A 22 -10.06 -14.03 -9.40
C ILE A 22 -11.43 -14.29 -10.04
N ASN A 23 -12.14 -13.22 -10.37
CA ASN A 23 -13.56 -13.31 -10.79
C ASN A 23 -13.85 -12.91 -12.21
N ASN A 24 -13.04 -12.01 -12.76
CA ASN A 24 -13.37 -11.40 -14.02
C ASN A 24 -12.53 -11.99 -15.14
N ILE A 25 -11.26 -12.28 -14.86
CA ILE A 25 -10.36 -12.85 -15.85
C ILE A 25 -10.67 -14.33 -16.00
N ASP A 26 -10.70 -14.83 -17.24
CA ASP A 26 -11.00 -16.24 -17.46
C ASP A 26 -9.90 -17.09 -16.86
N THR A 27 -10.25 -18.03 -15.99
CA THR A 27 -9.26 -18.89 -15.33
C THR A 27 -9.41 -20.40 -15.72
N PHE A 28 -10.14 -20.61 -16.82
CA PHE A 28 -10.23 -21.91 -17.51
C PHE A 28 -10.75 -23.03 -16.65
N GLY A 29 -11.81 -22.74 -15.91
CA GLY A 29 -12.47 -23.74 -15.08
C GLY A 29 -11.72 -24.24 -13.86
N ASN A 30 -10.69 -23.50 -13.44
CA ASN A 30 -10.08 -23.72 -12.12
C ASN A 30 -10.19 -22.44 -11.32
N GLU A 31 -10.10 -22.53 -10.00
CA GLU A 31 -10.16 -21.33 -9.16
C GLU A 31 -8.75 -20.84 -8.85
N ILE A 32 -8.48 -19.58 -9.16
CA ILE A 32 -7.19 -18.97 -8.83
C ILE A 32 -7.38 -17.91 -7.74
N TYR A 33 -6.61 -18.07 -6.68
CA TYR A 33 -6.60 -17.13 -5.54
C TYR A 33 -5.24 -16.46 -5.50
N VAL A 34 -5.21 -15.15 -5.32
CA VAL A 34 -3.95 -14.42 -5.27
C VAL A 34 -3.72 -14.00 -3.82
N LYS A 35 -2.57 -14.33 -3.28
CA LYS A 35 -2.21 -13.94 -1.92
C LYS A 35 -1.47 -12.61 -2.04
N LEU A 36 -2.08 -11.55 -1.52
CA LEU A 36 -1.63 -10.17 -1.78
C LEU A 36 -0.60 -9.73 -0.77
N GLU A 37 0.67 -10.03 -1.01
CA GLU A 37 1.73 -9.66 -0.06
C GLU A 37 2.04 -8.16 -0.13
N GLY A 38 1.49 -7.48 -1.13
CA GLY A 38 1.50 -6.04 -1.16
C GLY A 38 0.72 -5.39 -0.03
N SER A 39 -0.13 -6.15 0.66
CA SER A 39 -0.87 -5.65 1.81
C SER A 39 0.03 -5.47 3.03
N ASN A 40 1.21 -6.11 3.05
CA ASN A 40 2.19 -5.87 4.10
C ASN A 40 2.50 -4.36 4.21
N PRO A 41 2.89 -3.89 5.42
CA PRO A 41 3.11 -2.43 5.59
C PRO A 41 4.26 -1.86 4.73
N GLY A 42 5.28 -2.69 4.48
CA GLY A 42 6.34 -2.34 3.55
C GLY A 42 6.04 -2.67 2.08
N ARG A 43 4.83 -3.20 1.81
CA ARG A 43 4.28 -3.40 0.46
C ARG A 43 4.87 -4.59 -0.29
N SER A 44 5.59 -5.46 0.42
CA SER A 44 6.02 -6.73 -0.16
C SER A 44 6.11 -7.83 0.88
N THR A 45 6.22 -9.06 0.39
CA THR A 45 6.39 -10.23 1.21
C THR A 45 7.69 -10.18 2.00
N LYS A 46 8.63 -9.34 1.58
CA LYS A 46 9.97 -9.28 2.20
C LYS A 46 9.94 -8.72 3.60
N ASP A 47 8.85 -8.02 3.95
CA ASP A 47 8.65 -7.62 5.33
C ASP A 47 8.77 -8.87 6.25
N ARG A 48 8.21 -10.00 5.80
CA ARG A 48 8.23 -11.23 6.62
C ARG A 48 9.65 -11.72 6.91
N ILE A 49 10.49 -11.70 5.87
CA ILE A 49 11.88 -12.16 6.02
C ILE A 49 12.78 -11.14 6.71
N ALA A 50 12.53 -9.86 6.45
CA ALA A 50 13.22 -8.80 7.17
C ALA A 50 13.00 -8.95 8.67
N LEU A 51 11.74 -9.14 9.06
CA LEU A 51 11.39 -9.29 10.46
C LEU A 51 12.05 -10.52 11.05
N LYS A 52 11.89 -11.66 10.41
CA LYS A 52 12.44 -12.87 11.01
C LYS A 52 13.97 -12.87 11.05
N MET A 53 14.62 -12.42 9.97
CA MET A 53 16.09 -12.35 9.99
C MET A 53 16.58 -11.43 11.09
N ILE A 54 15.91 -10.29 11.28
CA ILE A 54 16.35 -9.35 12.31
C ILE A 54 16.06 -9.90 13.70
N GLU A 55 14.84 -10.37 13.92
CA GLU A 55 14.44 -10.88 15.23
C GLU A 55 15.30 -12.06 15.67
N GLU A 56 15.57 -13.00 14.76
CA GLU A 56 16.43 -14.12 15.12
C GLU A 56 17.87 -13.67 15.46
N ALA A 57 18.44 -12.72 14.72
CA ALA A 57 19.79 -12.21 14.98
C ALA A 57 19.83 -11.43 16.30
N GLU A 58 18.75 -10.73 16.61
CA GLU A 58 18.63 -10.09 17.93
C GLU A 58 18.75 -11.11 19.05
N LYS A 59 17.97 -12.19 18.93
CA LYS A 59 17.96 -13.25 19.94
C LYS A 59 19.30 -13.96 20.05
N GLU A 60 20.01 -14.06 18.92
CA GLU A 60 21.37 -14.63 18.89
C GLU A 60 22.42 -13.74 19.54
N GLY A 61 22.10 -12.46 19.73
CA GLY A 61 23.09 -11.52 20.20
C GLY A 61 23.99 -10.95 19.12
N LEU A 62 23.55 -11.07 17.86
CA LEU A 62 24.28 -10.54 16.72
C LEU A 62 23.97 -9.09 16.37
N ILE A 63 22.97 -8.51 17.01
CA ILE A 63 22.60 -7.11 16.80
C ILE A 63 22.48 -6.41 18.15
N ASP A 64 23.38 -5.48 18.39
CA ASP A 64 23.34 -4.53 19.53
C ASP A 64 22.77 -3.23 18.97
N LYS A 65 22.56 -2.26 19.86
CA LYS A 65 22.02 -0.95 19.48
C LYS A 65 22.86 -0.27 18.41
N ASP A 66 24.17 -0.48 18.47
CA ASP A 66 25.09 0.20 17.56
C ASP A 66 25.57 -0.69 16.38
N THR A 67 24.93 -1.83 16.16
CA THR A 67 25.27 -2.72 15.04
C THR A 67 24.66 -2.17 13.74
N VAL A 68 25.50 -2.01 12.72
CA VAL A 68 25.02 -1.56 11.41
C VAL A 68 24.49 -2.77 10.64
N ILE A 69 23.28 -2.67 10.11
CA ILE A 69 22.72 -3.72 9.29
C ILE A 69 23.11 -3.39 7.84
N ILE A 70 23.62 -4.38 7.13
CA ILE A 70 24.09 -4.20 5.73
C ILE A 70 23.51 -5.30 4.86
N GLU A 71 22.82 -4.97 3.76
CA GLU A 71 22.18 -5.96 2.93
C GLU A 71 22.25 -5.57 1.46
N ALA A 72 22.45 -6.58 0.61
CA ALA A 72 22.28 -6.47 -0.84
C ALA A 72 20.84 -6.84 -1.24
N THR A 73 20.22 -5.97 -2.03
CA THR A 73 18.83 -6.18 -2.38
C THR A 73 18.51 -5.59 -3.76
N SER A 74 17.47 -6.11 -4.39
CA SER A 74 16.91 -5.48 -5.60
C SER A 74 15.90 -4.40 -5.26
N GLY A 75 15.52 -4.32 -3.99
CA GLY A 75 14.66 -3.26 -3.51
C GLY A 75 13.79 -3.66 -2.33
N ASN A 76 12.96 -4.69 -2.53
CA ASN A 76 11.94 -5.01 -1.54
C ASN A 76 12.53 -5.47 -0.19
N THR A 77 13.56 -6.32 -0.21
CA THR A 77 14.19 -6.71 1.07
C THR A 77 14.76 -5.49 1.80
N GLY A 78 15.34 -4.56 1.03
CA GLY A 78 15.79 -3.29 1.57
C GLY A 78 14.71 -2.44 2.18
N ILE A 79 13.57 -2.35 1.48
CA ILE A 79 12.43 -1.60 2.02
C ILE A 79 11.90 -2.22 3.31
N GLY A 80 11.70 -3.53 3.33
CA GLY A 80 11.29 -4.21 4.54
C GLY A 80 12.25 -4.05 5.72
N LEU A 81 13.53 -4.20 5.46
CA LEU A 81 14.56 -3.92 6.46
C LEU A 81 14.54 -2.47 6.90
N ALA A 82 14.35 -1.55 5.96
CA ALA A 82 14.35 -0.12 6.29
C ALA A 82 13.22 0.24 7.27
N MET A 83 12.03 -0.30 7.01
CA MET A 83 10.84 0.00 7.82
C MET A 83 11.07 -0.57 9.21
N ILE A 84 11.56 -1.81 9.30
CA ILE A 84 11.79 -2.43 10.59
C ILE A 84 12.92 -1.72 11.38
N CYS A 85 13.99 -1.36 10.69
CA CYS A 85 15.11 -0.65 11.33
C CYS A 85 14.71 0.75 11.77
N ALA A 86 13.77 1.38 11.05
CA ALA A 86 13.26 2.66 11.50
C ALA A 86 12.59 2.53 12.88
N VAL A 87 11.70 1.54 13.04
CA VAL A 87 10.98 1.27 14.31
C VAL A 87 11.98 0.93 15.44
N LYS A 88 12.93 0.07 15.10
CA LYS A 88 13.91 -0.44 16.09
C LYS A 88 15.15 0.44 16.32
N ASN A 89 15.27 1.52 15.54
CA ASN A 89 16.41 2.45 15.61
C ASN A 89 17.78 1.83 15.30
N TYR A 90 17.83 0.92 14.32
CA TYR A 90 19.10 0.42 13.84
C TYR A 90 19.55 1.17 12.61
N LYS A 91 20.84 1.41 12.49
CA LYS A 91 21.43 2.00 11.29
C LYS A 91 21.51 0.94 10.18
N LEU A 92 20.98 1.26 8.99
CA LEU A 92 20.88 0.33 7.86
C LEU A 92 21.62 0.94 6.67
N LYS A 93 22.43 0.12 6.00
CA LYS A 93 23.05 0.43 4.71
C LYS A 93 22.61 -0.63 3.73
N ILE A 94 22.17 -0.21 2.55
CA ILE A 94 21.69 -1.10 1.54
C ILE A 94 22.50 -0.90 0.25
N VAL A 95 22.82 -2.00 -0.41
CA VAL A 95 23.46 -1.98 -1.74
C VAL A 95 22.47 -2.53 -2.73
N MET A 96 22.26 -1.79 -3.82
CA MET A 96 21.27 -2.16 -4.82
CA MET A 96 21.32 -2.24 -4.84
C MET A 96 21.77 -1.84 -6.23
N PRO A 97 21.29 -2.57 -7.24
CA PRO A 97 21.62 -2.18 -8.62
C PRO A 97 20.95 -0.86 -9.02
N ASP A 98 21.68 -0.04 -9.77
CA ASP A 98 21.14 1.20 -10.34
C ASP A 98 20.07 1.06 -11.45
N THR A 99 19.69 -0.15 -11.83
CA THR A 99 18.75 -0.36 -12.95
C THR A 99 17.29 -0.64 -12.50
N MET A 100 16.99 -0.51 -11.22
CA MET A 100 15.65 -0.82 -10.72
C MET A 100 14.77 0.44 -10.69
N SER A 101 13.46 0.25 -10.54
CA SER A 101 12.52 1.37 -10.51
C SER A 101 13.00 2.40 -9.48
N ILE A 102 13.08 3.69 -9.87
CA ILE A 102 13.71 4.70 -9.00
C ILE A 102 12.86 5.00 -7.73
N GLU A 103 11.62 4.53 -7.71
CA GLU A 103 10.82 4.61 -6.48
C GLU A 103 11.50 3.83 -5.33
N ARG A 104 12.24 2.77 -5.66
CA ARG A 104 12.89 1.96 -4.62
C ARG A 104 13.90 2.76 -3.78
N ILE A 105 14.75 3.58 -4.42
CA ILE A 105 15.76 4.37 -3.69
C ILE A 105 15.06 5.39 -2.81
N GLN A 106 14.02 6.01 -3.34
CA GLN A 106 13.22 7.00 -2.60
C GLN A 106 12.52 6.41 -1.40
N LEU A 107 11.94 5.23 -1.59
CA LEU A 107 11.21 4.57 -0.52
C LEU A 107 12.20 4.28 0.57
N MET A 108 13.34 3.69 0.21
CA MET A 108 14.33 3.32 1.21
C MET A 108 14.89 4.51 1.96
N ARG A 109 15.25 5.56 1.25
CA ARG A 109 15.73 6.76 1.93
C ARG A 109 14.65 7.42 2.83
N ALA A 110 13.36 7.33 2.47
CA ALA A 110 12.28 7.89 3.34
C ALA A 110 12.32 7.27 4.76
N TYR A 111 12.73 6.00 4.85
CA TYR A 111 12.83 5.34 6.12
C TYR A 111 14.17 5.57 6.81
N GLY A 112 15.06 6.35 6.21
CA GLY A 112 16.37 6.65 6.82
C GLY A 112 17.55 5.85 6.28
N THR A 113 17.34 5.02 5.27
CA THR A 113 18.37 4.11 4.78
C THR A 113 19.46 4.87 4.06
N GLU A 114 20.71 4.43 4.21
CA GLU A 114 21.76 4.85 3.28
C GLU A 114 21.83 3.85 2.12
N VAL A 115 21.70 4.34 0.88
CA VAL A 115 21.57 3.50 -0.31
C VAL A 115 22.83 3.68 -1.16
N ILE A 116 23.51 2.58 -1.47
CA ILE A 116 24.74 2.55 -2.26
C ILE A 116 24.42 1.76 -3.52
N LEU A 117 24.79 2.29 -4.68
CA LEU A 117 24.39 1.70 -5.95
C LEU A 117 25.57 1.03 -6.62
N THR A 118 25.29 -0.07 -7.30
CA THR A 118 26.28 -0.70 -8.16
C THR A 118 25.73 -0.80 -9.58
N ASP A 119 26.65 -1.02 -10.51
CA ASP A 119 26.30 -1.15 -11.92
C ASP A 119 25.30 -2.28 -12.14
N GLY A 120 24.10 -1.93 -12.59
CA GLY A 120 23.04 -2.91 -12.82
C GLY A 120 23.33 -4.01 -13.83
N SER A 121 24.21 -3.72 -14.79
CA SER A 121 24.61 -4.69 -15.79
C SER A 121 25.25 -5.91 -15.12
N LEU A 122 25.89 -5.70 -13.97
CA LEU A 122 26.55 -6.75 -13.19
C LEU A 122 25.64 -7.57 -12.28
N GLY A 123 24.37 -7.20 -12.14
CA GLY A 123 23.41 -7.95 -11.32
C GLY A 123 23.69 -7.90 -9.83
N MET A 124 23.07 -8.81 -9.07
CA MET A 124 23.21 -8.83 -7.60
C MET A 124 24.59 -9.27 -7.13
N LYS A 125 25.33 -9.98 -7.99
CA LYS A 125 26.72 -10.35 -7.67
C LYS A 125 27.53 -9.11 -7.30
N ALA A 126 27.36 -8.03 -8.05
CA ALA A 126 28.05 -6.78 -7.81
C ALA A 126 27.67 -6.18 -6.45
N CYS A 127 26.38 -6.28 -6.11
CA CYS A 127 25.90 -5.82 -4.80
C CYS A 127 26.57 -6.56 -3.65
N LEU A 128 26.58 -7.90 -3.74
CA LEU A 128 27.20 -8.74 -2.72
C LEU A 128 28.71 -8.45 -2.60
N GLU A 129 29.38 -8.29 -3.74
CA GLU A 129 30.80 -7.96 -3.71
C GLU A 129 31.05 -6.60 -3.03
N LYS A 130 30.18 -5.63 -3.26
CA LYS A 130 30.32 -4.32 -2.63
C LYS A 130 30.21 -4.41 -1.09
N LEU A 131 29.42 -5.37 -0.59
CA LEU A 131 29.28 -5.51 0.86
C LEU A 131 30.64 -5.71 1.55
N GLU A 132 31.58 -6.36 0.85
CA GLU A 132 32.90 -6.64 1.42
C GLU A 132 33.61 -5.36 1.82
N GLU A 133 33.53 -4.36 0.97
CA GLU A 133 34.03 -3.02 1.23
C GLU A 133 33.29 -2.33 2.40
N LEU A 134 31.97 -2.41 2.45
CA LEU A 134 31.24 -1.78 3.55
C LEU A 134 31.61 -2.43 4.90
N LYS A 135 31.86 -3.74 4.91
CA LYS A 135 32.18 -4.45 6.16
C LYS A 135 33.50 -3.99 6.80
N LYS A 136 34.48 -3.65 5.96
CA LYS A 136 35.79 -3.19 6.44
C LYS A 136 35.72 -1.83 7.18
N ASN A 137 34.70 -1.03 6.87
CA ASN A 137 34.55 0.30 7.46
C ASN A 137 33.67 0.34 8.70
N GLU A 138 33.23 -0.82 9.19
CA GLU A 138 32.37 -0.88 10.37
C GLU A 138 32.93 -1.73 11.51
N LYS A 139 32.82 -1.19 12.71
CA LYS A 139 33.21 -1.89 13.92
C LYS A 139 32.23 -3.03 14.28
N LYS A 140 30.93 -2.80 14.07
CA LYS A 140 29.90 -3.80 14.41
C LYS A 140 28.90 -3.84 13.25
N TYR A 141 28.64 -5.03 12.71
CA TYR A 141 27.66 -5.17 11.64
C TYR A 141 27.02 -6.53 11.66
N PHE A 142 25.87 -6.62 10.98
CA PHE A 142 25.22 -7.86 10.74
C PHE A 142 24.74 -7.82 9.27
N VAL A 143 25.03 -8.87 8.52
CA VAL A 143 24.49 -8.99 7.15
C VAL A 143 23.39 -10.02 7.19
N PRO A 144 22.12 -9.66 6.97
CA PRO A 144 21.04 -10.65 7.01
C PRO A 144 21.26 -11.77 5.99
N ASN A 145 21.74 -11.36 4.82
CA ASN A 145 21.91 -12.27 3.66
C ASN A 145 20.71 -13.13 3.30
N GLN A 146 19.71 -12.49 2.67
CA GLN A 146 18.56 -13.23 2.19
C GLN A 146 18.89 -14.44 1.29
N PHE A 147 20.06 -14.40 0.64
CA PHE A 147 20.45 -15.49 -0.27
C PHE A 147 20.82 -16.79 0.44
N THR A 148 21.30 -16.68 1.68
CA THR A 148 21.83 -17.84 2.42
C THR A 148 21.14 -18.07 3.76
N ASN A 149 20.40 -17.08 4.26
CA ASN A 149 19.82 -17.14 5.60
C ASN A 149 18.58 -18.01 5.63
N VAL A 150 18.63 -19.13 6.36
CA VAL A 150 17.44 -20.00 6.40
C VAL A 150 16.21 -19.35 6.99
N ASN A 151 16.38 -18.25 7.72
CA ASN A 151 15.24 -17.52 8.24
C ASN A 151 14.38 -16.84 7.14
N ASN A 152 14.93 -16.74 5.93
CA ASN A 152 14.12 -16.37 4.75
C ASN A 152 13.04 -17.45 4.48
N PRO A 153 13.44 -18.64 4.00
CA PRO A 153 12.38 -19.65 3.78
C PRO A 153 11.62 -20.04 5.05
N LYS A 154 12.27 -20.05 6.22
CA LYS A 154 11.52 -20.40 7.44
C LYS A 154 10.39 -19.41 7.80
N ALA A 155 10.54 -18.14 7.47
CA ALA A 155 9.48 -17.15 7.72
C ALA A 155 8.21 -17.56 6.97
N HIS A 156 8.38 -18.00 5.72
CA HIS A 156 7.26 -18.40 4.85
C HIS A 156 6.72 -19.77 5.23
N TYR A 157 7.63 -20.65 5.64
CA TYR A 157 7.23 -21.97 6.16
C TYR A 157 6.29 -21.80 7.36
N GLU A 158 6.62 -20.84 8.23
CA GLU A 158 5.89 -20.57 9.49
C GLU A 158 4.64 -19.75 9.38
N THR A 159 4.58 -18.82 8.43
CA THR A 159 3.47 -17.86 8.42
C THR A 159 2.76 -17.94 7.11
N THR A 160 3.44 -17.62 6.00
CA THR A 160 2.79 -17.56 4.67
C THR A 160 1.99 -18.82 4.34
N ALA A 161 2.66 -19.96 4.45
CA ALA A 161 2.03 -21.27 4.17
C ALA A 161 0.85 -21.58 5.09
N GLU A 162 0.99 -21.27 6.36
CA GLU A 162 -0.09 -21.50 7.33
C GLU A 162 -1.32 -20.67 7.04
N GLU A 163 -1.12 -19.43 6.58
CA GLU A 163 -2.21 -18.57 6.24
C GLU A 163 -2.96 -19.07 5.03
N ILE A 164 -2.23 -19.61 4.05
CA ILE A 164 -2.83 -20.20 2.86
C ILE A 164 -3.66 -21.42 3.26
N LEU A 165 -3.10 -22.28 4.10
CA LEU A 165 -3.79 -23.49 4.57
C LEU A 165 -5.06 -23.10 5.33
N LYS A 166 -4.93 -22.11 6.19
CA LYS A 166 -6.06 -21.69 7.05
C LYS A 166 -7.15 -21.10 6.21
N ASP A 167 -6.79 -20.20 5.30
CA ASP A 167 -7.80 -19.44 4.56
C ASP A 167 -8.57 -20.29 3.55
N LEU A 168 -7.94 -21.33 3.04
CA LEU A 168 -8.60 -22.25 2.10
C LEU A 168 -9.00 -23.56 2.78
N ASN A 169 -8.94 -23.60 4.11
CA ASN A 169 -9.37 -24.76 4.91
C ASN A 169 -8.73 -26.05 4.40
N ASN A 170 -7.41 -26.00 4.26
CA ASN A 170 -6.59 -27.11 3.78
C ASN A 170 -6.95 -27.68 2.43
N LYS A 171 -7.63 -26.89 1.60
CA LYS A 171 -7.97 -27.31 0.24
C LYS A 171 -7.17 -26.49 -0.76
N VAL A 172 -5.97 -26.98 -1.04
CA VAL A 172 -5.07 -26.34 -1.99
C VAL A 172 -4.46 -27.40 -2.88
N ASP A 173 -4.67 -27.25 -4.18
CA ASP A 173 -4.15 -28.19 -5.19
C ASP A 173 -2.84 -27.78 -5.82
N VAL A 174 -2.65 -26.48 -6.02
CA VAL A 174 -1.48 -25.98 -6.71
C VAL A 174 -0.99 -24.65 -6.06
N PHE A 175 0.32 -24.46 -5.95
CA PHE A 175 0.90 -23.22 -5.45
C PHE A 175 1.94 -22.81 -6.47
N ILE A 176 1.90 -21.55 -6.92
CA ILE A 176 2.79 -21.06 -7.95
C ILE A 176 3.38 -19.77 -7.41
N CYS A 177 4.72 -19.67 -7.45
CA CYS A 177 5.43 -18.57 -6.82
C CYS A 177 6.65 -18.13 -7.65
N GLY A 178 6.82 -16.83 -7.81
CA GLY A 178 7.96 -16.29 -8.50
C GLY A 178 9.22 -16.48 -7.67
N THR A 179 10.38 -16.53 -8.32
CA THR A 179 11.65 -16.73 -7.63
C THR A 179 12.70 -15.65 -7.92
N GLY A 180 13.46 -15.35 -6.88
CA GLY A 180 14.66 -14.53 -6.95
C GLY A 180 15.69 -15.18 -6.02
N THR A 181 15.50 -15.05 -4.70
CA THR A 181 16.26 -15.89 -3.77
C THR A 181 15.77 -17.37 -3.80
N GLY A 182 14.48 -17.54 -4.04
CA GLY A 182 13.79 -18.80 -4.04
C GLY A 182 13.19 -19.12 -2.68
N GLY A 183 13.32 -18.18 -1.76
CA GLY A 183 12.91 -18.41 -0.39
C GLY A 183 11.44 -18.46 -0.19
N SER A 184 10.69 -17.54 -0.79
CA SER A 184 9.23 -17.60 -0.63
C SER A 184 8.68 -18.88 -1.26
N PHE A 185 9.14 -19.23 -2.46
CA PHE A 185 8.73 -20.50 -3.04
C PHE A 185 9.07 -21.68 -2.12
N SER A 186 10.33 -21.73 -1.69
CA SER A 186 10.85 -22.97 -1.08
C SER A 186 10.29 -23.15 0.34
N GLY A 187 10.18 -22.06 1.10
CA GLY A 187 9.65 -22.16 2.44
C GLY A 187 8.15 -22.45 2.46
N THR A 188 7.40 -21.79 1.58
CA THR A 188 5.97 -22.01 1.53
C THR A 188 5.68 -23.43 1.00
N ALA A 189 6.38 -23.85 -0.06
CA ALA A 189 6.13 -25.15 -0.68
C ALA A 189 6.46 -26.29 0.26
N LYS A 190 7.51 -26.13 1.07
CA LYS A 190 7.93 -27.16 2.03
C LYS A 190 6.81 -27.43 3.02
N LYS A 191 6.24 -26.36 3.57
CA LYS A 191 5.16 -26.51 4.55
C LYS A 191 3.93 -27.11 3.91
N LEU A 192 3.55 -26.60 2.75
CA LEU A 192 2.35 -27.07 2.09
C LEU A 192 2.44 -28.57 1.75
N LYS A 193 3.60 -29.02 1.27
CA LYS A 193 3.81 -30.42 0.91
C LYS A 193 3.89 -31.32 2.14
N GLU A 194 4.30 -30.79 3.28
CA GLU A 194 4.23 -31.55 4.54
C GLU A 194 2.79 -31.83 4.96
N LYS A 195 1.91 -30.85 4.79
CA LYS A 195 0.50 -30.97 5.20
C LYS A 195 -0.40 -31.56 4.13
N LEU A 196 -0.05 -31.34 2.86
CA LEU A 196 -0.81 -31.79 1.71
C LEU A 196 0.12 -32.49 0.73
N PRO A 197 0.28 -33.82 0.86
CA PRO A 197 1.27 -34.52 0.03
C PRO A 197 0.96 -34.61 -1.48
N ASN A 198 -0.29 -34.36 -1.87
CA ASN A 198 -0.65 -34.34 -3.30
C ASN A 198 -0.58 -32.94 -3.96
N ILE A 199 -0.23 -31.91 -3.18
CA ILE A 199 -0.17 -30.54 -3.73
C ILE A 199 1.00 -30.48 -4.71
N LYS A 200 0.79 -29.79 -5.83
CA LYS A 200 1.84 -29.45 -6.79
C LYS A 200 2.35 -28.03 -6.49
N THR A 201 3.67 -27.84 -6.47
CA THR A 201 4.30 -26.55 -6.17
C THR A 201 5.30 -26.18 -7.27
N PHE A 202 5.14 -24.98 -7.84
CA PHE A 202 5.94 -24.56 -8.98
C PHE A 202 6.57 -23.16 -8.78
N PRO A 203 7.91 -23.07 -8.96
CA PRO A 203 8.58 -21.80 -9.06
C PRO A 203 8.45 -21.23 -10.47
N VAL A 204 8.51 -19.89 -10.59
CA VAL A 204 8.53 -19.23 -11.88
C VAL A 204 9.82 -18.44 -11.96
N GLU A 205 10.45 -18.47 -13.14
CA GLU A 205 11.63 -17.65 -13.40
C GLU A 205 11.43 -16.86 -14.69
N PRO A 206 12.25 -15.82 -14.91
CA PRO A 206 12.08 -15.07 -16.16
C PRO A 206 12.46 -15.93 -17.37
N ALA A 207 11.64 -15.92 -18.39
CA ALA A 207 11.97 -16.64 -19.62
C ALA A 207 13.28 -16.19 -20.23
N SER A 208 13.64 -14.91 -20.12
CA SER A 208 14.93 -14.43 -20.67
C SER A 208 16.10 -14.52 -19.67
N SER A 209 15.86 -15.09 -18.50
CA SER A 209 16.95 -15.49 -17.62
C SER A 209 16.66 -16.84 -16.99
N PRO A 210 16.68 -17.88 -17.83
CA PRO A 210 16.18 -19.18 -17.48
C PRO A 210 17.25 -20.06 -16.83
N LEU A 211 17.73 -19.63 -15.67
CA LEU A 211 18.83 -20.33 -15.01
C LEU A 211 18.45 -21.76 -14.63
N LEU A 212 17.30 -21.93 -14.01
CA LEU A 212 16.86 -23.23 -13.50
C LEU A 212 16.48 -24.17 -14.63
N SER A 213 15.88 -23.62 -15.69
CA SER A 213 15.29 -24.45 -16.73
C SER A 213 16.27 -24.71 -17.86
N LYS A 214 17.17 -23.77 -18.13
CA LYS A 214 18.15 -23.92 -19.23
C LYS A 214 19.59 -23.70 -18.89
N GLY A 215 19.91 -23.27 -17.67
CA GLY A 215 21.28 -23.23 -17.19
C GLY A 215 22.05 -22.00 -17.64
N TYR A 216 21.35 -20.92 -18.02
CA TYR A 216 22.04 -19.67 -18.34
C TYR A 216 21.21 -18.50 -17.90
N ILE A 217 21.87 -17.37 -17.76
CA ILE A 217 21.20 -16.13 -17.39
C ILE A 217 21.26 -15.08 -18.52
N GLY A 218 20.38 -14.11 -18.41
CA GLY A 218 20.27 -13.07 -19.40
C GLY A 218 19.54 -11.88 -18.81
N PRO A 219 19.38 -10.82 -19.59
CA PRO A 219 18.66 -9.64 -19.12
C PRO A 219 17.16 -9.89 -19.07
N HIS A 220 16.50 -9.34 -18.06
CA HIS A 220 15.04 -9.42 -18.00
C HIS A 220 14.52 -8.21 -17.25
N LYS A 221 13.22 -7.96 -17.40
CA LYS A 221 12.58 -6.77 -16.82
C LYS A 221 11.63 -7.12 -15.67
N ILE A 222 11.63 -8.37 -15.22
CA ILE A 222 10.69 -8.80 -14.18
C ILE A 222 11.36 -8.52 -12.84
N GLN A 223 11.29 -7.26 -12.43
CA GLN A 223 12.03 -6.79 -11.26
C GLN A 223 11.77 -7.61 -10.02
N GLY A 224 12.85 -7.99 -9.31
CA GLY A 224 12.74 -8.84 -8.11
C GLY A 224 12.95 -10.31 -8.43
N MET A 225 12.53 -10.73 -9.61
CA MET A 225 12.74 -12.15 -9.97
C MET A 225 14.11 -12.30 -10.66
N GLY A 226 14.48 -13.54 -10.95
CA GLY A 226 15.74 -13.85 -11.60
C GLY A 226 16.83 -14.07 -10.57
N MET A 227 17.88 -14.75 -10.99
CA MET A 227 18.99 -15.16 -10.12
C MET A 227 20.28 -14.66 -10.71
N SER A 228 20.85 -13.61 -10.12
CA SER A 228 22.03 -12.96 -10.68
C SER A 228 23.22 -12.83 -9.73
N ILE A 229 23.26 -13.66 -8.70
CA ILE A 229 24.42 -13.64 -7.76
C ILE A 229 25.57 -14.53 -8.22
N GLY A 230 25.42 -15.22 -9.35
CA GLY A 230 26.48 -16.10 -9.88
C GLY A 230 26.25 -17.57 -9.63
N GLY A 231 25.01 -17.93 -9.36
CA GLY A 231 24.65 -19.33 -9.13
C GLY A 231 23.29 -19.38 -8.48
N ILE A 232 22.81 -20.58 -8.18
CA ILE A 232 21.53 -20.76 -7.52
C ILE A 232 21.65 -20.50 -6.02
N PRO A 233 20.82 -19.61 -5.45
CA PRO A 233 20.96 -19.31 -4.01
C PRO A 233 20.74 -20.52 -3.11
N ALA A 234 21.45 -20.57 -1.97
CA ALA A 234 21.38 -21.68 -1.03
C ALA A 234 19.97 -21.91 -0.50
N VAL A 235 19.17 -20.85 -0.41
CA VAL A 235 17.81 -20.97 0.12
C VAL A 235 16.76 -21.51 -0.86
N TYR A 236 17.12 -21.68 -2.13
CA TYR A 236 16.25 -22.31 -3.09
C TYR A 236 16.37 -23.82 -2.95
N ASP A 237 15.23 -24.50 -2.81
CA ASP A 237 15.18 -25.95 -2.74
C ASP A 237 14.45 -26.54 -3.96
N GLY A 238 15.25 -26.93 -4.96
CA GLY A 238 14.69 -27.39 -6.23
C GLY A 238 14.03 -28.76 -6.16
N SER A 239 14.25 -29.49 -5.08
CA SER A 239 13.59 -30.78 -4.89
C SER A 239 12.08 -30.63 -4.70
N LEU A 240 11.66 -29.41 -4.36
CA LEU A 240 10.24 -29.07 -4.18
C LEU A 240 9.53 -28.74 -5.49
N ALA A 241 10.28 -28.48 -6.56
CA ALA A 241 9.70 -27.99 -7.82
C ALA A 241 9.14 -29.11 -8.68
N ASP A 242 7.83 -29.13 -8.87
CA ASP A 242 7.22 -30.14 -9.73
C ASP A 242 7.49 -29.90 -11.20
N ASP A 243 7.78 -28.66 -11.57
CA ASP A 243 8.28 -28.26 -12.89
C ASP A 243 8.79 -26.83 -12.68
N ILE A 244 9.54 -26.28 -13.63
CA ILE A 244 9.95 -24.87 -13.61
C ILE A 244 9.08 -24.15 -14.64
N LEU A 245 8.38 -23.11 -14.21
CA LEU A 245 7.56 -22.32 -15.12
C LEU A 245 8.33 -21.03 -15.42
N VAL A 246 7.99 -20.44 -16.56
CA VAL A 246 8.61 -19.21 -16.99
C VAL A 246 7.60 -18.20 -17.48
N CYS A 247 8.06 -16.95 -17.59
CA CYS A 247 7.28 -15.88 -18.19
C CYS A 247 8.18 -14.89 -18.91
N GLU A 248 7.80 -14.53 -20.13
CA GLU A 248 8.46 -13.47 -20.89
C GLU A 248 8.15 -12.09 -20.31
N ASP A 249 9.07 -11.16 -20.52
CA ASP A 249 8.90 -9.79 -20.01
C ASP A 249 7.59 -9.17 -20.48
N ASP A 250 7.29 -9.24 -21.78
CA ASP A 250 6.10 -8.57 -22.32
C ASP A 250 4.83 -9.13 -21.72
N ASP A 251 4.74 -10.44 -21.59
CA ASP A 251 3.57 -11.10 -21.01
C ASP A 251 3.38 -10.73 -19.53
N ALA A 252 4.47 -10.57 -18.79
CA ALA A 252 4.41 -10.15 -17.38
C ALA A 252 3.77 -8.76 -17.26
N PHE A 253 4.22 -7.81 -18.07
CA PHE A 253 3.68 -6.47 -18.08
C PHE A 253 2.21 -6.50 -18.51
N GLU A 254 1.91 -7.28 -19.54
CA GLU A 254 0.53 -7.37 -20.03
C GLU A 254 -0.42 -7.88 -18.92
N MET A 255 0.00 -8.90 -18.20
CA MET A 255 -0.81 -9.50 -17.16
C MET A 255 -0.89 -8.61 -15.91
N MET A 256 0.19 -7.89 -15.59
CA MET A 256 0.11 -6.88 -14.52
C MET A 256 -1.02 -5.89 -14.85
N ARG A 257 -1.05 -5.43 -16.10
CA ARG A 257 -2.09 -4.49 -16.52
C ARG A 257 -3.48 -5.11 -16.51
N GLU A 258 -3.62 -6.36 -16.93
CA GLU A 258 -4.92 -7.01 -16.96
CA GLU A 258 -4.93 -6.99 -16.96
C GLU A 258 -5.47 -7.17 -15.54
N LEU A 259 -4.59 -7.49 -14.59
CA LEU A 259 -5.01 -7.63 -13.19
C LEU A 259 -5.60 -6.31 -12.65
N SER A 260 -4.96 -5.20 -12.95
CA SER A 260 -5.41 -3.94 -12.40
C SER A 260 -6.67 -3.52 -13.14
N PHE A 261 -6.69 -3.68 -14.47
CA PHE A 261 -7.89 -3.35 -15.28
C PHE A 261 -9.12 -4.14 -14.94
N LYS A 262 -8.97 -5.45 -14.77
CA LYS A 262 -10.11 -6.39 -14.67
C LYS A 262 -10.43 -6.81 -13.25
N GLU A 263 -9.45 -6.79 -12.35
CA GLU A 263 -9.68 -7.19 -10.97
C GLU A 263 -9.49 -6.09 -9.92
N GLY A 264 -8.99 -4.92 -10.31
CA GLY A 264 -8.62 -3.89 -9.33
C GLY A 264 -7.48 -4.33 -8.41
N ILE A 265 -6.63 -5.25 -8.89
CA ILE A 265 -5.48 -5.71 -8.13
C ILE A 265 -4.25 -5.06 -8.77
N LEU A 266 -3.54 -4.25 -7.98
CA LEU A 266 -2.37 -3.56 -8.45
C LEU A 266 -1.16 -4.28 -7.85
N GLY A 267 -0.62 -5.22 -8.60
CA GLY A 267 0.53 -5.98 -8.18
C GLY A 267 1.74 -5.56 -8.98
N GLY A 268 2.91 -6.00 -8.55
CA GLY A 268 4.12 -5.67 -9.28
C GLY A 268 4.30 -6.51 -10.53
N ILE A 269 5.44 -6.31 -11.18
CA ILE A 269 5.75 -6.98 -12.44
C ILE A 269 5.84 -8.47 -12.22
N SER A 270 6.48 -8.87 -11.12
CA SER A 270 6.57 -10.29 -10.80
C SER A 270 5.23 -10.93 -10.53
N THR A 271 4.25 -10.17 -10.04
CA THR A 271 2.91 -10.69 -9.87
C THR A 271 2.28 -10.98 -11.24
N GLY A 272 2.49 -10.07 -12.20
CA GLY A 272 2.07 -10.32 -13.58
C GLY A 272 2.70 -11.58 -14.15
N ALA A 273 3.99 -11.74 -13.91
CA ALA A 273 4.73 -12.93 -14.38
C ALA A 273 4.21 -14.22 -13.78
N THR A 274 4.05 -14.24 -12.46
CA THR A 274 3.61 -15.42 -11.72
C THR A 274 2.16 -15.78 -12.05
N PHE A 275 1.33 -14.74 -12.15
CA PHE A 275 -0.05 -14.94 -12.50
C PHE A 275 -0.17 -15.44 -13.94
N LYS A 276 0.63 -14.93 -14.84
CA LYS A 276 0.59 -15.39 -16.24
C LYS A 276 0.99 -16.87 -16.32
N ALA A 277 2.03 -17.23 -15.58
CA ALA A 277 2.48 -18.62 -15.53
C ALA A 277 1.38 -19.50 -14.95
N ALA A 278 0.66 -18.97 -13.96
CA ALA A 278 -0.46 -19.71 -13.35
C ALA A 278 -1.61 -19.89 -14.30
N LEU A 279 -1.89 -18.87 -15.10
CA LEU A 279 -2.95 -18.95 -16.10
C LEU A 279 -2.59 -19.95 -17.16
N ASP A 280 -1.33 -19.97 -17.59
CA ASP A 280 -0.87 -20.97 -18.58
C ASP A 280 -1.01 -22.36 -18.02
N TYR A 281 -0.62 -22.55 -16.76
CA TYR A 281 -0.77 -23.83 -16.08
C TYR A 281 -2.24 -24.22 -16.00
N SER A 282 -3.10 -23.29 -15.61
CA SER A 282 -4.52 -23.57 -15.44
C SER A 282 -5.19 -23.91 -16.79
N LYS A 283 -4.82 -23.20 -17.85
CA LYS A 283 -5.26 -23.58 -19.20
C LYS A 283 -4.76 -24.98 -19.63
N GLU A 284 -3.50 -25.32 -19.34
CA GLU A 284 -3.00 -26.68 -19.61
C GLU A 284 -3.72 -27.75 -18.78
N ASN A 285 -4.34 -27.34 -17.68
CA ASN A 285 -5.09 -28.25 -16.81
C ASN A 285 -6.51 -27.79 -16.64
N ALA A 286 -7.09 -27.31 -17.74
CA ALA A 286 -8.40 -26.67 -17.74
C ALA A 286 -9.49 -27.55 -17.17
N ASP A 287 -10.45 -26.91 -16.51
CA ASP A 287 -11.65 -27.56 -16.03
C ASP A 287 -11.41 -28.83 -15.23
N LYS A 288 -10.60 -28.71 -14.19
CA LYS A 288 -10.41 -29.78 -13.21
C LYS A 288 -10.81 -29.31 -11.82
N GLY A 289 -11.38 -28.10 -11.73
CA GLY A 289 -11.73 -27.48 -10.44
C GLY A 289 -10.59 -27.32 -9.43
N LEU A 290 -9.36 -27.18 -9.92
CA LEU A 290 -8.19 -27.06 -9.05
C LEU A 290 -8.23 -25.75 -8.27
N LYS A 291 -7.75 -25.78 -7.04
CA LYS A 291 -7.61 -24.55 -6.26
C LYS A 291 -6.15 -24.18 -6.36
N ILE A 292 -5.90 -23.06 -7.03
CA ILE A 292 -4.55 -22.65 -7.39
C ILE A 292 -4.24 -21.38 -6.63
N VAL A 293 -3.16 -21.36 -5.87
CA VAL A 293 -2.74 -20.15 -5.13
C VAL A 293 -1.52 -19.56 -5.80
N VAL A 294 -1.58 -18.26 -6.08
CA VAL A 294 -0.49 -17.51 -6.66
C VAL A 294 -0.04 -16.49 -5.60
N LEU A 295 1.25 -16.47 -5.29
CA LEU A 295 1.77 -15.48 -4.40
C LEU A 295 2.05 -14.23 -5.21
N SER A 296 1.41 -13.12 -4.85
CA SER A 296 1.72 -11.78 -5.36
C SER A 296 2.74 -11.16 -4.42
N THR A 297 3.99 -11.06 -4.88
CA THR A 297 5.10 -10.69 -3.99
C THR A 297 5.03 -9.24 -3.52
N ASP A 298 4.61 -8.33 -4.41
CA ASP A 298 4.52 -6.92 -4.03
C ASP A 298 3.41 -6.19 -4.74
N SER A 299 3.09 -4.99 -4.23
CA SER A 299 2.07 -4.17 -4.89
C SER A 299 2.75 -3.40 -6.02
N GLY A 300 1.93 -2.91 -6.95
CA GLY A 300 2.44 -2.30 -8.18
C GLY A 300 2.81 -0.84 -8.20
N GLU A 301 2.57 -0.12 -7.10
CA GLU A 301 2.73 1.33 -7.10
C GLU A 301 4.15 1.74 -7.49
N LYS A 302 5.14 1.04 -6.94
CA LYS A 302 6.53 1.42 -7.14
C LYS A 302 7.01 1.27 -8.61
N TYR A 303 6.21 0.68 -9.50
CA TYR A 303 6.62 0.45 -10.89
C TYR A 303 5.94 1.44 -11.83
N LEU A 304 4.92 2.13 -11.34
CA LEU A 304 4.06 2.93 -12.25
C LEU A 304 4.72 4.17 -12.82
N SER A 305 5.88 4.59 -12.34
CA SER A 305 6.57 5.70 -13.02
C SER A 305 7.18 5.25 -14.37
N ASN A 306 7.48 3.96 -14.51
CA ASN A 306 7.87 3.37 -15.83
C ASN A 306 7.77 1.83 -15.90
N LEU B 6 -10.95 -15.79 2.99
CA LEU B 6 -11.05 -15.38 1.56
C LEU B 6 -11.80 -14.08 1.33
N ALA B 7 -11.27 -13.28 0.41
CA ALA B 7 -11.99 -12.16 -0.15
C ALA B 7 -12.52 -12.54 -1.52
N ASN B 8 -13.76 -12.16 -1.79
CA ASN B 8 -14.34 -12.37 -3.09
C ASN B 8 -13.77 -11.40 -4.12
N SER B 9 -13.39 -10.19 -3.71
CA SER B 9 -12.71 -9.21 -4.59
C SER B 9 -11.99 -8.21 -3.68
N VAL B 10 -11.22 -7.30 -4.25
CA VAL B 10 -10.57 -6.26 -3.44
C VAL B 10 -11.54 -5.35 -2.72
N ILE B 11 -12.81 -5.27 -3.17
CA ILE B 11 -13.84 -4.55 -2.44
C ILE B 11 -13.96 -5.05 -1.00
N ASP B 12 -13.78 -6.35 -0.79
CA ASP B 12 -13.88 -6.91 0.57
C ASP B 12 -12.70 -6.54 1.44
N LEU B 13 -11.68 -5.92 0.87
CA LEU B 13 -10.51 -5.50 1.67
C LEU B 13 -10.59 -4.05 2.13
N ILE B 14 -11.63 -3.34 1.71
CA ILE B 14 -11.78 -1.91 2.06
C ILE B 14 -12.13 -1.82 3.54
N GLY B 15 -11.52 -0.87 4.24
CA GLY B 15 -11.78 -0.70 5.64
C GLY B 15 -11.05 -1.64 6.56
N ASN B 16 -11.49 -1.66 7.81
CA ASN B 16 -10.86 -2.45 8.87
C ASN B 16 -9.36 -2.20 8.92
N THR B 17 -9.01 -0.92 8.87
CA THR B 17 -7.62 -0.53 8.75
C THR B 17 -6.95 -0.48 10.11
N PRO B 18 -5.63 -0.58 10.12
CA PRO B 18 -5.00 -0.66 11.43
C PRO B 18 -4.87 0.69 12.12
N LEU B 19 -4.79 0.60 13.44
CA LEU B 19 -4.59 1.77 14.26
C LEU B 19 -3.23 1.49 14.95
N VAL B 20 -2.25 2.35 14.75
CA VAL B 20 -0.88 2.08 15.20
C VAL B 20 -0.47 3.12 16.26
N LYS B 21 0.14 2.68 17.35
CA LYS B 21 0.63 3.56 18.41
C LYS B 21 1.96 4.19 18.03
N ILE B 22 2.13 5.47 18.38
CA ILE B 22 3.40 6.17 18.21
C ILE B 22 4.37 5.84 19.37
N ASN B 23 5.55 5.32 19.04
CA ASN B 23 6.48 4.77 20.06
C ASN B 23 7.81 5.47 20.24
N ASN B 24 8.31 6.10 19.19
CA ASN B 24 9.62 6.72 19.24
C ASN B 24 9.54 8.25 19.38
N ILE B 25 8.58 8.87 18.70
CA ILE B 25 8.35 10.29 18.80
C ILE B 25 7.81 10.59 20.19
N ASP B 26 8.31 11.65 20.82
CA ASP B 26 7.84 12.04 22.15
C ASP B 26 6.45 12.65 21.99
N THR B 27 5.45 12.04 22.62
CA THR B 27 4.07 12.53 22.49
C THR B 27 3.58 13.19 23.79
N PHE B 28 4.52 13.59 24.64
CA PHE B 28 4.22 14.47 25.79
C PHE B 28 3.20 13.93 26.78
N GLY B 29 3.33 12.67 27.14
CA GLY B 29 2.51 12.10 28.20
C GLY B 29 1.06 11.85 27.83
N ASN B 30 0.78 11.90 26.53
CA ASN B 30 -0.45 11.39 25.94
C ASN B 30 -0.11 10.29 24.92
N GLU B 31 -1.07 9.43 24.63
CA GLU B 31 -0.84 8.36 23.65
C GLU B 31 -1.43 8.81 22.33
N ILE B 32 -0.65 8.70 21.26
CA ILE B 32 -1.16 9.09 19.92
C ILE B 32 -1.20 7.80 19.09
N TYR B 33 -2.33 7.58 18.42
CA TYR B 33 -2.55 6.43 17.55
C TYR B 33 -2.88 6.96 16.17
N VAL B 34 -2.33 6.32 15.15
CA VAL B 34 -2.53 6.79 13.78
C VAL B 34 -3.35 5.73 13.06
N LYS B 35 -4.50 6.12 12.52
CA LYS B 35 -5.34 5.17 11.79
C LYS B 35 -4.88 5.17 10.33
N LEU B 36 -4.35 4.06 9.84
CA LEU B 36 -3.60 4.04 8.58
C LEU B 36 -4.53 3.70 7.42
N GLU B 37 -5.15 4.74 6.87
CA GLU B 37 -6.07 4.56 5.72
C GLU B 37 -5.35 4.28 4.43
N GLY B 38 -4.04 4.51 4.41
CA GLY B 38 -3.20 4.05 3.33
C GLY B 38 -3.16 2.54 3.18
N SER B 39 -3.66 1.81 4.19
CA SER B 39 -3.73 0.37 4.15
C SER B 39 -4.87 -0.16 3.32
N ASN B 40 -5.83 0.71 3.02
CA ASN B 40 -6.91 0.35 2.08
C ASN B 40 -6.31 -0.06 0.72
N PRO B 41 -7.00 -0.95 -0.01
CA PRO B 41 -6.45 -1.41 -1.29
C PRO B 41 -6.15 -0.31 -2.30
N GLY B 42 -6.96 0.73 -2.32
CA GLY B 42 -6.70 1.90 -3.15
C GLY B 42 -5.79 2.94 -2.52
N ARG B 43 -5.28 2.61 -1.34
CA ARG B 43 -4.23 3.36 -0.68
C ARG B 43 -4.67 4.69 -0.11
N SER B 44 -5.99 4.88 0.04
CA SER B 44 -6.49 6.04 0.81
C SER B 44 -7.83 5.73 1.43
N THR B 45 -8.24 6.61 2.34
CA THR B 45 -9.54 6.51 2.99
C THR B 45 -10.70 6.61 1.96
N LYS B 46 -10.42 7.17 0.80
CA LYS B 46 -11.46 7.46 -0.20
CA LYS B 46 -11.48 7.44 -0.19
C LYS B 46 -12.05 6.18 -0.82
N ASP B 47 -11.39 5.03 -0.62
CA ASP B 47 -11.99 3.73 -0.96
C ASP B 47 -13.34 3.61 -0.27
N ARG B 48 -13.42 4.04 1.00
CA ARG B 48 -14.68 3.95 1.74
C ARG B 48 -15.83 4.72 1.09
N ILE B 49 -15.57 5.97 0.69
CA ILE B 49 -16.62 6.77 0.13
C ILE B 49 -16.91 6.41 -1.31
N ALA B 50 -15.89 5.96 -2.04
CA ALA B 50 -16.08 5.49 -3.41
C ALA B 50 -17.06 4.33 -3.40
N LEU B 51 -16.82 3.40 -2.50
CA LEU B 51 -17.67 2.23 -2.38
C LEU B 51 -19.10 2.61 -1.98
N LYS B 52 -19.26 3.42 -0.94
CA LYS B 52 -20.62 3.75 -0.49
C LYS B 52 -21.38 4.61 -1.49
N MET B 53 -20.74 5.62 -2.09
CA MET B 53 -21.40 6.43 -3.09
C MET B 53 -21.85 5.55 -4.24
N ILE B 54 -20.98 4.67 -4.71
CA ILE B 54 -21.38 3.80 -5.87
C ILE B 54 -22.47 2.80 -5.50
N GLU B 55 -22.33 2.12 -4.35
CA GLU B 55 -23.25 1.06 -3.93
C GLU B 55 -24.65 1.62 -3.63
N GLU B 56 -24.72 2.83 -3.05
CA GLU B 56 -26.04 3.42 -2.80
C GLU B 56 -26.70 3.90 -4.10
N ALA B 57 -25.89 4.45 -5.01
CA ALA B 57 -26.37 4.83 -6.33
C ALA B 57 -26.91 3.61 -7.09
N GLU B 58 -26.20 2.48 -7.05
CA GLU B 58 -26.66 1.21 -7.64
C GLU B 58 -28.06 0.81 -7.10
N LYS B 59 -28.20 0.81 -5.79
CA LYS B 59 -29.49 0.50 -5.14
C LYS B 59 -30.62 1.47 -5.52
N GLU B 60 -30.28 2.74 -5.76
CA GLU B 60 -31.29 3.73 -6.10
C GLU B 60 -31.62 3.72 -7.60
N GLY B 61 -30.96 2.86 -8.37
CA GLY B 61 -31.21 2.72 -9.81
C GLY B 61 -30.53 3.76 -10.65
N LEU B 62 -29.46 4.36 -10.15
CA LEU B 62 -28.80 5.43 -10.87
C LEU B 62 -27.63 4.99 -11.75
N ILE B 63 -27.29 3.72 -11.71
CA ILE B 63 -26.09 3.22 -12.43
C ILE B 63 -26.39 1.93 -13.16
N ASP B 64 -26.33 2.02 -14.50
CA ASP B 64 -26.46 0.87 -15.39
C ASP B 64 -25.03 0.48 -15.73
N LYS B 65 -24.89 -0.65 -16.41
CA LYS B 65 -23.58 -1.17 -16.74
C LYS B 65 -22.79 -0.29 -17.67
N ASP B 66 -23.48 0.48 -18.51
CA ASP B 66 -22.86 1.43 -19.42
C ASP B 66 -23.03 2.89 -18.95
N THR B 67 -23.37 3.11 -17.69
CA THR B 67 -23.36 4.47 -17.15
C THR B 67 -21.90 4.92 -16.97
N VAL B 68 -21.55 6.10 -17.47
CA VAL B 68 -20.18 6.60 -17.28
C VAL B 68 -20.18 7.35 -15.97
N ILE B 69 -19.30 6.93 -15.04
CA ILE B 69 -19.14 7.65 -13.77
C ILE B 69 -18.15 8.79 -14.02
N ILE B 70 -18.46 9.99 -13.52
CA ILE B 70 -17.63 11.17 -13.71
C ILE B 70 -17.50 11.89 -12.38
N GLU B 71 -16.29 12.28 -12.02
CA GLU B 71 -16.04 12.90 -10.69
C GLU B 71 -14.88 13.89 -10.76
N ALA B 72 -15.05 15.01 -10.05
CA ALA B 72 -13.98 15.97 -9.85
C ALA B 72 -13.23 15.58 -8.54
N THR B 73 -11.91 15.54 -8.61
CA THR B 73 -11.09 15.06 -7.52
C THR B 73 -9.68 15.66 -7.54
N SER B 74 -9.04 15.70 -6.36
CA SER B 74 -7.66 16.10 -6.29
C SER B 74 -6.79 14.85 -6.50
N GLY B 75 -7.41 13.67 -6.52
CA GLY B 75 -6.67 12.42 -6.80
C GLY B 75 -7.20 11.17 -6.13
N ASN B 76 -7.28 11.18 -4.78
CA ASN B 76 -7.60 9.95 -4.05
C ASN B 76 -9.02 9.45 -4.28
N THR B 77 -9.98 10.34 -4.31
CA THR B 77 -11.36 9.90 -4.60
C THR B 77 -11.40 9.30 -6.02
N GLY B 78 -10.66 9.88 -6.96
CA GLY B 78 -10.51 9.29 -8.31
C GLY B 78 -9.89 7.90 -8.28
N ILE B 79 -8.87 7.72 -7.45
CA ILE B 79 -8.22 6.40 -7.36
C ILE B 79 -9.16 5.35 -6.75
N GLY B 80 -9.83 5.70 -5.66
CA GLY B 80 -10.79 4.81 -5.02
C GLY B 80 -11.89 4.41 -5.98
N LEU B 81 -12.44 5.40 -6.66
CA LEU B 81 -13.46 5.12 -7.69
C LEU B 81 -12.91 4.25 -8.82
N ALA B 82 -11.66 4.49 -9.19
CA ALA B 82 -11.03 3.75 -10.31
C ALA B 82 -10.91 2.27 -9.99
N MET B 83 -10.47 1.95 -8.78
CA MET B 83 -10.33 0.58 -8.35
C MET B 83 -11.68 -0.11 -8.26
N ILE B 84 -12.67 0.57 -7.68
CA ILE B 84 -13.99 0.02 -7.57
C ILE B 84 -14.66 -0.18 -8.95
N CYS B 85 -14.48 0.79 -9.82
CA CYS B 85 -14.99 0.66 -11.20
C CYS B 85 -14.29 -0.43 -12.02
N ALA B 86 -13.01 -0.71 -11.73
CA ALA B 86 -12.32 -1.83 -12.35
C ALA B 86 -12.99 -3.15 -11.92
N VAL B 87 -13.25 -3.31 -10.64
CA VAL B 87 -13.88 -4.52 -10.13
C VAL B 87 -15.29 -4.68 -10.67
N LYS B 88 -16.01 -3.57 -10.72
CA LYS B 88 -17.42 -3.58 -11.18
C LYS B 88 -17.61 -3.49 -12.69
N ASN B 89 -16.53 -3.32 -13.44
CA ASN B 89 -16.56 -3.08 -14.88
C ASN B 89 -17.38 -1.85 -15.29
N TYR B 90 -17.26 -0.74 -14.55
CA TYR B 90 -17.81 0.53 -14.96
C TYR B 90 -16.75 1.41 -15.57
N LYS B 91 -17.16 2.29 -16.46
CA LYS B 91 -16.29 3.26 -17.07
C LYS B 91 -16.25 4.52 -16.21
N LEU B 92 -15.05 4.99 -15.88
CA LEU B 92 -14.85 6.20 -15.05
C LEU B 92 -14.02 7.21 -15.80
N LYS B 93 -14.47 8.45 -15.73
CA LYS B 93 -13.71 9.61 -16.17
C LYS B 93 -13.58 10.60 -15.01
N ILE B 94 -12.37 11.10 -14.80
CA ILE B 94 -12.04 11.93 -13.68
C ILE B 94 -11.53 13.25 -14.21
N VAL B 95 -11.93 14.33 -13.54
CA VAL B 95 -11.37 15.67 -13.80
C VAL B 95 -10.53 16.05 -12.58
N MET B 96 -9.28 16.46 -12.80
CA MET B 96 -8.41 16.83 -11.69
C MET B 96 -7.49 18.00 -12.07
N PRO B 97 -6.98 18.74 -11.08
CA PRO B 97 -6.03 19.81 -11.38
C PRO B 97 -4.69 19.28 -11.79
N ASP B 98 -3.97 20.05 -12.62
CA ASP B 98 -2.66 19.65 -13.07
C ASP B 98 -1.57 19.77 -11.98
N THR B 99 -1.87 20.41 -10.87
CA THR B 99 -0.88 20.67 -9.82
C THR B 99 -0.62 19.45 -8.93
N MET B 100 -1.46 18.43 -9.02
CA MET B 100 -1.37 17.28 -8.11
C MET B 100 -0.30 16.29 -8.60
N SER B 101 0.15 15.42 -7.71
CA SER B 101 1.24 14.47 -8.01
C SER B 101 0.93 13.55 -9.21
N ILE B 102 1.91 13.43 -10.10
CA ILE B 102 1.76 12.65 -11.35
C ILE B 102 1.47 11.20 -10.98
N GLU B 103 1.90 10.76 -9.79
CA GLU B 103 1.63 9.40 -9.37
C GLU B 103 0.14 9.13 -9.22
N ARG B 104 -0.66 10.16 -8.92
CA ARG B 104 -2.11 9.98 -8.79
C ARG B 104 -2.65 9.58 -10.15
N ILE B 105 -2.19 10.29 -11.17
CA ILE B 105 -2.55 9.97 -12.53
C ILE B 105 -2.10 8.57 -12.90
N GLN B 106 -0.88 8.16 -12.53
CA GLN B 106 -0.33 6.83 -12.82
CA GLN B 106 -0.44 6.83 -12.98
C GLN B 106 -1.27 5.73 -12.29
N LEU B 107 -1.73 5.96 -11.08
CA LEU B 107 -2.57 4.98 -10.37
C LEU B 107 -3.95 4.87 -11.02
N MET B 108 -4.59 6.00 -11.28
CA MET B 108 -5.90 5.99 -11.94
C MET B 108 -5.85 5.28 -13.29
N ARG B 109 -4.85 5.59 -14.10
CA ARG B 109 -4.72 4.96 -15.42
C ARG B 109 -4.42 3.47 -15.38
N ALA B 110 -3.71 3.04 -14.34
CA ALA B 110 -3.44 1.61 -14.08
C ALA B 110 -4.73 0.84 -13.92
N TYR B 111 -5.76 1.48 -13.36
CA TYR B 111 -7.07 0.85 -13.22
C TYR B 111 -7.99 1.08 -14.42
N GLY B 112 -7.50 1.81 -15.44
CA GLY B 112 -8.26 2.04 -16.68
C GLY B 112 -9.10 3.30 -16.72
N THR B 113 -8.89 4.17 -15.76
CA THR B 113 -9.63 5.42 -15.70
C THR B 113 -9.06 6.48 -16.63
N GLU B 114 -9.93 7.24 -17.26
CA GLU B 114 -9.53 8.36 -18.12
C GLU B 114 -9.51 9.64 -17.30
N VAL B 115 -8.46 10.43 -17.51
CA VAL B 115 -8.23 11.62 -16.72
C VAL B 115 -8.26 12.85 -17.61
N ILE B 116 -9.03 13.86 -17.19
CA ILE B 116 -9.08 15.18 -17.83
C ILE B 116 -8.46 16.19 -16.86
N LEU B 117 -7.54 17.03 -17.37
CA LEU B 117 -6.82 17.99 -16.55
C LEU B 117 -7.32 19.43 -16.67
N THR B 118 -7.35 20.11 -15.54
CA THR B 118 -7.62 21.55 -15.46
C THR B 118 -6.42 22.30 -14.83
N ASP B 119 -6.42 23.61 -15.02
CA ASP B 119 -5.40 24.48 -14.45
C ASP B 119 -5.53 24.55 -12.93
N GLY B 120 -4.55 24.01 -12.22
CA GLY B 120 -4.58 23.91 -10.76
C GLY B 120 -4.59 25.26 -10.03
N SER B 121 -4.15 26.32 -10.67
CA SER B 121 -4.24 27.66 -10.06
C SER B 121 -5.68 28.17 -9.94
N LEU B 122 -6.64 27.56 -10.66
CA LEU B 122 -8.07 27.85 -10.53
C LEU B 122 -8.83 26.91 -9.57
N GLY B 123 -8.13 25.96 -8.97
CA GLY B 123 -8.69 25.20 -7.86
C GLY B 123 -9.66 24.15 -8.34
N MET B 124 -10.25 23.47 -7.37
CA MET B 124 -11.25 22.45 -7.64
C MET B 124 -12.48 23.05 -8.28
N LYS B 125 -12.70 24.35 -8.12
CA LYS B 125 -13.81 25.00 -8.81
C LYS B 125 -13.72 24.79 -10.33
N ALA B 126 -12.52 24.91 -10.88
CA ALA B 126 -12.31 24.72 -12.32
C ALA B 126 -12.60 23.26 -12.73
N CYS B 127 -12.26 22.30 -11.87
CA CYS B 127 -12.62 20.87 -12.10
C CYS B 127 -14.10 20.70 -12.23
N LEU B 128 -14.86 21.32 -11.32
CA LEU B 128 -16.30 21.21 -11.34
C LEU B 128 -16.93 21.84 -12.57
N GLU B 129 -16.38 22.97 -13.02
CA GLU B 129 -16.83 23.61 -14.25
C GLU B 129 -16.59 22.74 -15.47
N LYS B 130 -15.41 22.14 -15.54
CA LYS B 130 -15.06 21.27 -16.68
C LYS B 130 -15.98 20.04 -16.71
N LEU B 131 -16.30 19.54 -15.54
CA LEU B 131 -17.16 18.39 -15.42
C LEU B 131 -18.55 18.68 -16.02
N GLU B 132 -19.05 19.91 -15.85
CA GLU B 132 -20.30 20.32 -16.51
C GLU B 132 -20.19 20.24 -18.03
N GLU B 133 -19.05 20.63 -18.58
CA GLU B 133 -18.83 20.52 -20.02
CA GLU B 133 -18.82 20.52 -20.02
C GLU B 133 -18.80 19.05 -20.45
N LEU B 134 -18.14 18.19 -19.65
CA LEU B 134 -18.04 16.77 -19.97
C LEU B 134 -19.41 16.09 -19.98
N LYS B 135 -20.31 16.50 -19.09
CA LYS B 135 -21.66 15.92 -19.07
C LYS B 135 -22.39 16.01 -20.41
N LYS B 136 -22.13 17.10 -21.14
CA LYS B 136 -22.81 17.36 -22.41
C LYS B 136 -22.52 16.28 -23.45
N ASN B 137 -21.40 15.58 -23.31
CA ASN B 137 -21.03 14.57 -24.27
C ASN B 137 -21.31 13.14 -23.82
N GLU B 138 -21.87 13.00 -22.63
CA GLU B 138 -22.22 11.70 -22.09
C GLU B 138 -23.71 11.49 -22.14
N LYS B 139 -24.11 10.42 -22.81
CA LYS B 139 -25.51 10.04 -22.91
C LYS B 139 -26.09 9.59 -21.57
N LYS B 140 -25.24 8.99 -20.72
CA LYS B 140 -25.73 8.41 -19.51
C LYS B 140 -24.58 8.47 -18.54
N TYR B 141 -24.77 9.24 -17.48
CA TYR B 141 -23.70 9.44 -16.48
C TYR B 141 -24.23 9.46 -15.06
N PHE B 142 -23.30 9.29 -14.13
CA PHE B 142 -23.59 9.44 -12.71
C PHE B 142 -22.39 10.19 -12.12
N VAL B 143 -22.65 11.30 -11.43
CA VAL B 143 -21.65 12.09 -10.75
C VAL B 143 -21.77 11.85 -9.23
N PRO B 144 -20.82 11.15 -8.64
CA PRO B 144 -20.99 10.85 -7.20
C PRO B 144 -21.09 12.16 -6.38
N ASN B 145 -20.31 13.14 -6.76
CA ASN B 145 -20.22 14.45 -6.12
C ASN B 145 -19.90 14.39 -4.62
N GLN B 146 -18.64 14.04 -4.34
CA GLN B 146 -18.18 13.91 -2.97
C GLN B 146 -18.34 15.18 -2.14
N PHE B 147 -18.47 16.35 -2.80
CA PHE B 147 -18.68 17.62 -2.10
C PHE B 147 -20.05 17.76 -1.50
N THR B 148 -21.02 17.02 -2.03
CA THR B 148 -22.41 17.14 -1.53
C THR B 148 -23.06 15.84 -1.10
N ASN B 149 -22.48 14.72 -1.49
CA ASN B 149 -23.11 13.42 -1.33
C ASN B 149 -23.03 13.00 0.11
N VAL B 150 -24.20 12.82 0.74
CA VAL B 150 -24.25 12.39 2.13
C VAL B 150 -23.48 11.10 2.37
N ASN B 151 -23.34 10.28 1.35
CA ASN B 151 -22.64 9.00 1.49
C ASN B 151 -21.12 9.11 1.66
N ASN B 152 -20.56 10.30 1.44
CA ASN B 152 -19.15 10.58 1.80
C ASN B 152 -19.05 10.56 3.35
N PRO B 153 -19.62 11.55 4.07
CA PRO B 153 -19.52 11.45 5.54
C PRO B 153 -20.19 10.21 6.15
N LYS B 154 -21.28 9.72 5.56
CA LYS B 154 -21.95 8.54 6.08
C LYS B 154 -21.10 7.28 6.06
N ALA B 155 -20.19 7.15 5.08
CA ALA B 155 -19.30 6.00 5.05
C ALA B 155 -18.47 5.98 6.33
N HIS B 156 -17.94 7.13 6.70
CA HIS B 156 -17.06 7.27 7.86
C HIS B 156 -17.81 7.13 9.18
N TYR B 157 -19.03 7.63 9.20
CA TYR B 157 -19.92 7.47 10.33
C TYR B 157 -20.16 5.98 10.59
N GLU B 158 -20.37 5.21 9.52
CA GLU B 158 -20.67 3.77 9.64
C GLU B 158 -19.51 2.85 9.86
N THR B 159 -18.33 3.16 9.30
CA THR B 159 -17.21 2.23 9.38
C THR B 159 -15.97 2.83 10.09
N THR B 160 -15.40 3.90 9.55
CA THR B 160 -14.19 4.47 10.12
C THR B 160 -14.30 4.70 11.65
N ALA B 161 -15.36 5.38 12.06
CA ALA B 161 -15.57 5.68 13.48
C ALA B 161 -15.79 4.44 14.34
N GLU B 162 -16.58 3.50 13.85
CA GLU B 162 -16.84 2.26 14.58
C GLU B 162 -15.57 1.45 14.76
N GLU B 163 -14.68 1.49 13.77
CA GLU B 163 -13.41 0.79 13.91
C GLU B 163 -12.52 1.41 14.99
N ILE B 164 -12.54 2.74 15.09
CA ILE B 164 -11.77 3.47 16.09
C ILE B 164 -12.28 3.09 17.48
N LEU B 165 -13.59 3.08 17.63
CA LEU B 165 -14.20 2.76 18.93
C LEU B 165 -13.90 1.35 19.37
N LYS B 166 -13.98 0.41 18.44
CA LYS B 166 -13.75 -1.00 18.72
C LYS B 166 -12.28 -1.26 19.05
N ASP B 167 -11.36 -0.77 18.22
CA ASP B 167 -9.94 -0.99 18.47
C ASP B 167 -9.45 -0.36 19.78
N LEU B 168 -10.05 0.73 20.23
CA LEU B 168 -9.60 1.40 21.48
C LEU B 168 -10.56 1.12 22.63
N ASN B 169 -11.47 0.17 22.42
CA ASN B 169 -12.41 -0.27 23.44
C ASN B 169 -13.18 0.87 24.05
N ASN B 170 -13.66 1.77 23.18
CA ASN B 170 -14.42 2.94 23.57
C ASN B 170 -13.73 3.97 24.46
N LYS B 171 -12.40 3.93 24.51
CA LYS B 171 -11.60 4.91 25.24
C LYS B 171 -10.89 5.78 24.23
N VAL B 172 -11.53 6.89 23.86
CA VAL B 172 -10.94 7.85 22.95
C VAL B 172 -11.24 9.24 23.45
N ASP B 173 -10.20 10.05 23.60
CA ASP B 173 -10.36 11.40 24.11
C ASP B 173 -10.34 12.49 23.08
N VAL B 174 -9.57 12.30 22.01
CA VAL B 174 -9.37 13.31 20.98
C VAL B 174 -9.23 12.61 19.62
N PHE B 175 -9.83 13.21 18.60
CA PHE B 175 -9.74 12.78 17.20
C PHE B 175 -9.40 14.00 16.33
N ILE B 176 -8.37 13.85 15.52
CA ILE B 176 -7.84 14.93 14.69
C ILE B 176 -7.72 14.41 13.26
N CYS B 177 -8.19 15.22 12.32
CA CYS B 177 -8.34 14.77 10.94
C CYS B 177 -8.23 15.95 9.99
N GLY B 178 -7.44 15.78 8.94
CA GLY B 178 -7.30 16.78 7.91
C GLY B 178 -8.60 16.91 7.12
N THR B 179 -8.77 18.05 6.48
CA THR B 179 -9.99 18.32 5.70
C THR B 179 -9.70 18.79 4.27
N GLY B 180 -10.58 18.36 3.37
CA GLY B 180 -10.64 18.80 2.00
C GLY B 180 -12.10 18.98 1.69
N THR B 181 -12.84 17.87 1.52
CA THR B 181 -14.29 17.93 1.51
C THR B 181 -14.87 18.15 2.89
N GLY B 182 -14.15 17.71 3.91
CA GLY B 182 -14.62 17.66 5.26
C GLY B 182 -15.39 16.42 5.66
N GLY B 183 -15.56 15.49 4.71
CA GLY B 183 -16.32 14.24 4.94
C GLY B 183 -15.76 13.27 5.95
N SER B 184 -14.46 13.01 5.87
CA SER B 184 -13.83 12.08 6.79
C SER B 184 -13.82 12.65 8.23
N PHE B 185 -13.48 13.91 8.38
CA PHE B 185 -13.59 14.56 9.69
C PHE B 185 -15.01 14.50 10.21
N SER B 186 -15.94 14.91 9.38
CA SER B 186 -17.31 15.19 9.83
C SER B 186 -18.07 13.92 10.10
N GLY B 187 -17.94 12.93 9.21
CA GLY B 187 -18.62 11.66 9.42
C GLY B 187 -18.06 10.90 10.62
N THR B 188 -16.74 10.87 10.73
CA THR B 188 -16.14 10.12 11.81
C THR B 188 -16.44 10.82 13.14
N ALA B 189 -16.28 12.14 13.19
CA ALA B 189 -16.52 12.91 14.43
C ALA B 189 -17.97 12.81 14.86
N LYS B 190 -18.88 12.79 13.89
CA LYS B 190 -20.29 12.66 14.23
C LYS B 190 -20.57 11.37 15.02
N LYS B 191 -20.11 10.22 14.55
CA LYS B 191 -20.29 8.98 15.26
C LYS B 191 -19.55 8.94 16.59
N LEU B 192 -18.29 9.41 16.59
CA LEU B 192 -17.51 9.40 17.84
C LEU B 192 -18.24 10.15 18.93
N LYS B 193 -18.75 11.33 18.56
CA LYS B 193 -19.47 12.22 19.51
C LYS B 193 -20.82 11.64 19.98
N GLU B 194 -21.50 10.90 19.11
CA GLU B 194 -22.72 10.20 19.50
CA GLU B 194 -22.72 10.19 19.46
C GLU B 194 -22.46 9.14 20.58
N LYS B 195 -21.34 8.43 20.48
CA LYS B 195 -21.00 7.37 21.44
C LYS B 195 -20.18 7.84 22.66
N LEU B 196 -19.39 8.88 22.47
CA LEU B 196 -18.46 9.42 23.47
C LEU B 196 -18.69 10.94 23.63
N PRO B 197 -19.68 11.30 24.47
CA PRO B 197 -20.04 12.71 24.52
C PRO B 197 -18.95 13.68 24.92
N ASN B 198 -17.89 13.21 25.59
CA ASN B 198 -16.85 14.13 26.01
C ASN B 198 -15.65 14.16 25.07
N ILE B 199 -15.69 13.42 23.96
CA ILE B 199 -14.57 13.45 23.02
C ILE B 199 -14.40 14.82 22.41
N LYS B 200 -13.15 15.21 22.15
CA LYS B 200 -12.86 16.44 21.42
C LYS B 200 -12.44 16.06 20.01
N THR B 201 -12.97 16.77 19.02
CA THR B 201 -12.67 16.46 17.61
C THR B 201 -12.26 17.73 16.88
N PHE B 202 -11.12 17.69 16.19
CA PHE B 202 -10.58 18.87 15.54
C PHE B 202 -10.25 18.59 14.07
N PRO B 203 -10.69 19.48 13.16
CA PRO B 203 -10.23 19.44 11.80
C PRO B 203 -8.93 20.23 11.63
N VAL B 204 -8.18 19.86 10.60
CA VAL B 204 -6.97 20.55 10.24
C VAL B 204 -7.10 21.11 8.83
N GLU B 205 -6.62 22.33 8.62
CA GLU B 205 -6.53 22.90 7.28
C GLU B 205 -5.15 23.49 7.05
N PRO B 206 -4.82 23.79 5.77
CA PRO B 206 -3.49 24.35 5.50
C PRO B 206 -3.39 25.77 6.05
N ALA B 207 -2.29 26.05 6.77
CA ALA B 207 -2.03 27.41 7.24
C ALA B 207 -2.05 28.41 6.09
N SER B 208 -1.58 27.99 4.92
CA SER B 208 -1.58 28.85 3.71
C SER B 208 -2.93 28.95 3.00
N SER B 209 -3.93 28.19 3.47
CA SER B 209 -5.30 28.28 2.89
C SER B 209 -6.33 28.17 4.03
N PRO B 210 -6.33 29.19 4.90
CA PRO B 210 -7.02 29.14 6.17
C PRO B 210 -8.50 29.55 6.09
N LEU B 211 -9.27 28.81 5.32
CA LEU B 211 -10.64 29.21 5.05
C LEU B 211 -11.48 29.21 6.33
N LEU B 212 -11.39 28.13 7.11
CA LEU B 212 -12.24 27.99 8.29
C LEU B 212 -11.74 28.87 9.45
N SER B 213 -10.43 29.07 9.56
CA SER B 213 -9.88 29.82 10.70
C SER B 213 -9.76 31.33 10.40
N LYS B 214 -9.53 31.70 9.14
CA LYS B 214 -9.30 33.12 8.79
C LYS B 214 -10.25 33.67 7.73
N GLY B 215 -10.96 32.80 7.00
CA GLY B 215 -11.94 33.27 6.01
C GLY B 215 -11.45 33.50 4.60
N TYR B 216 -10.27 33.01 4.26
CA TYR B 216 -9.78 33.15 2.90
C TYR B 216 -8.94 31.94 2.50
N ILE B 217 -8.79 31.72 1.19
CA ILE B 217 -7.98 30.62 0.68
C ILE B 217 -6.70 31.17 0.07
N GLY B 218 -5.79 30.26 -0.23
CA GLY B 218 -4.53 30.58 -0.87
C GLY B 218 -3.92 29.32 -1.45
N PRO B 219 -2.87 29.46 -2.26
CA PRO B 219 -2.17 28.31 -2.76
C PRO B 219 -1.42 27.61 -1.62
N HIS B 220 -1.43 26.29 -1.64
CA HIS B 220 -0.73 25.50 -0.64
C HIS B 220 -0.30 24.18 -1.27
N LYS B 221 0.57 23.45 -0.57
CA LYS B 221 1.19 22.25 -1.10
C LYS B 221 0.77 20.97 -0.35
N ILE B 222 -0.20 21.09 0.53
CA ILE B 222 -0.66 19.94 1.33
C ILE B 222 -1.76 19.23 0.52
N GLN B 223 -1.31 18.40 -0.41
CA GLN B 223 -2.16 17.78 -1.42
C GLN B 223 -3.31 17.02 -0.80
N GLY B 224 -4.53 17.32 -1.25
CA GLY B 224 -5.72 16.67 -0.78
C GLY B 224 -6.48 17.49 0.22
N MET B 225 -5.75 18.26 1.00
CA MET B 225 -6.37 19.19 1.94
C MET B 225 -6.69 20.52 1.29
N GLY B 226 -7.42 21.36 2.00
CA GLY B 226 -7.81 22.67 1.52
C GLY B 226 -9.15 22.60 0.82
N MET B 227 -9.79 23.76 0.77
CA MET B 227 -11.13 23.90 0.20
C MET B 227 -11.08 24.91 -0.93
N SER B 228 -11.17 24.43 -2.16
CA SER B 228 -11.03 25.32 -3.31
C SER B 228 -12.17 25.26 -4.32
N ILE B 229 -13.37 24.83 -3.91
CA ILE B 229 -14.52 24.80 -4.84
C ILE B 229 -15.26 26.15 -4.88
N GLY B 230 -14.85 27.09 -4.03
CA GLY B 230 -15.50 28.40 -3.95
C GLY B 230 -16.40 28.55 -2.75
N GLY B 231 -16.22 27.72 -1.74
CA GLY B 231 -16.98 27.82 -0.52
C GLY B 231 -16.70 26.61 0.35
N ILE B 232 -17.29 26.59 1.54
CA ILE B 232 -17.16 25.45 2.42
C ILE B 232 -18.08 24.33 1.91
N PRO B 233 -17.55 23.11 1.69
CA PRO B 233 -18.46 22.08 1.20
C PRO B 233 -19.60 21.71 2.15
N ALA B 234 -20.73 21.33 1.55
CA ALA B 234 -21.92 20.93 2.30
C ALA B 234 -21.64 19.74 3.23
N VAL B 235 -20.71 18.85 2.85
CA VAL B 235 -20.42 17.69 3.66
C VAL B 235 -19.54 17.99 4.88
N TYR B 236 -19.00 19.20 5.00
CA TYR B 236 -18.26 19.62 6.18
C TYR B 236 -19.28 20.14 7.19
N ASP B 237 -19.19 19.61 8.41
CA ASP B 237 -20.06 20.01 9.53
C ASP B 237 -19.20 20.70 10.58
N GLY B 238 -19.15 22.02 10.48
CA GLY B 238 -18.31 22.83 11.34
C GLY B 238 -18.70 22.80 12.80
N SER B 239 -19.95 22.43 13.09
CA SER B 239 -20.37 22.39 14.48
C SER B 239 -19.62 21.34 15.26
N LEU B 240 -19.03 20.37 14.57
CA LEU B 240 -18.26 19.32 15.24
C LEU B 240 -16.86 19.74 15.67
N ALA B 241 -16.36 20.83 15.10
CA ALA B 241 -14.98 21.26 15.34
C ALA B 241 -14.85 21.96 16.68
N ASP B 242 -14.06 21.40 17.57
CA ASP B 242 -13.79 22.01 18.87
C ASP B 242 -12.84 23.21 18.76
N ASP B 243 -12.06 23.24 17.70
CA ASP B 243 -11.22 24.36 17.31
C ASP B 243 -10.74 24.00 15.89
N ILE B 244 -10.19 24.97 15.18
CA ILE B 244 -9.56 24.74 13.87
C ILE B 244 -8.04 24.70 14.06
N LEU B 245 -7.42 23.58 13.67
CA LEU B 245 -5.97 23.46 13.69
C LEU B 245 -5.40 23.70 12.31
N VAL B 246 -4.15 24.14 12.24
CA VAL B 246 -3.55 24.39 10.96
C VAL B 246 -2.14 23.86 10.87
N CYS B 247 -1.60 23.76 9.65
CA CYS B 247 -0.22 23.36 9.48
C CYS B 247 0.36 24.03 8.25
N GLU B 248 1.59 24.51 8.38
CA GLU B 248 2.33 25.04 7.25
C GLU B 248 2.79 23.97 6.31
N ASP B 249 3.01 24.33 5.04
CA ASP B 249 3.45 23.38 4.01
C ASP B 249 4.75 22.66 4.38
N ASP B 250 5.79 23.44 4.69
CA ASP B 250 7.07 22.81 4.99
C ASP B 250 7.01 21.96 6.26
N ASP B 251 6.28 22.40 7.25
CA ASP B 251 6.11 21.59 8.46
C ASP B 251 5.40 20.25 8.19
N ALA B 252 4.43 20.23 7.27
CA ALA B 252 3.75 19.01 6.87
C ALA B 252 4.74 18.05 6.20
N PHE B 253 5.56 18.55 5.25
CA PHE B 253 6.58 17.70 4.60
C PHE B 253 7.59 17.18 5.64
N GLU B 254 8.02 18.05 6.56
CA GLU B 254 8.98 17.66 7.56
C GLU B 254 8.43 16.58 8.49
N MET B 255 7.16 16.72 8.89
CA MET B 255 6.55 15.71 9.75
C MET B 255 6.32 14.39 9.03
N MET B 256 5.99 14.45 7.74
CA MET B 256 5.91 13.24 6.91
C MET B 256 7.21 12.43 7.04
N ARG B 257 8.36 13.11 6.92
CA ARG B 257 9.64 12.43 7.09
C ARG B 257 9.97 12.03 8.54
N GLU B 258 9.54 12.79 9.53
CA GLU B 258 9.70 12.36 10.92
C GLU B 258 8.99 11.02 11.13
N LEU B 259 7.76 10.90 10.61
CA LEU B 259 6.98 9.68 10.79
C LEU B 259 7.63 8.47 10.12
N SER B 260 8.16 8.63 8.91
CA SER B 260 8.77 7.51 8.24
C SER B 260 10.12 7.17 8.88
N PHE B 261 10.92 8.17 9.22
CA PHE B 261 12.24 7.94 9.85
C PHE B 261 12.12 7.27 11.23
N LYS B 262 11.15 7.72 12.02
CA LYS B 262 11.07 7.36 13.43
C LYS B 262 10.08 6.24 13.72
N GLU B 263 9.05 6.10 12.89
CA GLU B 263 7.98 5.10 13.18
C GLU B 263 7.80 4.06 12.07
N GLY B 264 8.46 4.22 10.95
CA GLY B 264 8.25 3.34 9.82
C GLY B 264 6.87 3.49 9.20
N ILE B 265 6.24 4.64 9.46
CA ILE B 265 4.92 4.98 8.93
C ILE B 265 5.15 5.91 7.72
N LEU B 266 4.76 5.43 6.55
CA LEU B 266 4.89 6.17 5.32
C LEU B 266 3.51 6.71 4.95
N GLY B 267 3.27 7.94 5.34
CA GLY B 267 1.98 8.58 5.06
C GLY B 267 2.15 9.72 4.06
N GLY B 268 1.02 10.23 3.58
CA GLY B 268 1.07 11.33 2.65
C GLY B 268 1.34 12.68 3.31
N ILE B 269 1.33 13.71 2.49
CA ILE B 269 1.62 15.08 2.96
C ILE B 269 0.57 15.51 4.00
N SER B 270 -0.70 15.22 3.73
CA SER B 270 -1.75 15.54 4.71
C SER B 270 -1.60 14.79 6.03
N THR B 271 -1.05 13.58 5.99
CA THR B 271 -0.76 12.84 7.21
C THR B 271 0.29 13.58 8.03
N GLY B 272 1.32 14.09 7.35
CA GLY B 272 2.27 14.94 8.01
C GLY B 272 1.64 16.17 8.66
N ALA B 273 0.75 16.81 7.90
CA ALA B 273 0.03 17.99 8.37
C ALA B 273 -0.83 17.68 9.57
N THR B 274 -1.62 16.60 9.48
CA THR B 274 -2.58 16.23 10.54
C THR B 274 -1.83 15.76 11.80
N PHE B 275 -0.76 14.99 11.60
CA PHE B 275 0.04 14.55 12.71
C PHE B 275 0.78 15.71 13.41
N LYS B 276 1.35 16.64 12.64
CA LYS B 276 1.99 17.84 13.23
C LYS B 276 1.00 18.59 14.08
N ALA B 277 -0.20 18.80 13.55
CA ALA B 277 -1.23 19.47 14.31
C ALA B 277 -1.57 18.73 15.63
N ALA B 278 -1.63 17.40 15.56
CA ALA B 278 -1.94 16.57 16.71
C ALA B 278 -0.81 16.60 17.77
N LEU B 279 0.42 16.56 17.30
CA LEU B 279 1.55 16.57 18.20
C LEU B 279 1.62 17.92 18.92
N ASP B 280 1.39 19.02 18.19
CA ASP B 280 1.30 20.37 18.78
C ASP B 280 0.19 20.42 19.83
N TYR B 281 -0.98 19.84 19.51
CA TYR B 281 -2.08 19.71 20.47
C TYR B 281 -1.64 18.93 21.72
N SER B 282 -1.01 17.77 21.53
CA SER B 282 -0.54 16.93 22.66
C SER B 282 0.40 17.72 23.59
N LYS B 283 1.33 18.42 22.95
CA LYS B 283 2.30 19.27 23.66
C LYS B 283 1.61 20.34 24.50
N GLU B 284 0.60 21.00 23.95
CA GLU B 284 -0.19 22.00 24.68
C GLU B 284 -1.03 21.38 25.77
N ASN B 285 -1.27 20.07 25.68
CA ASN B 285 -2.06 19.33 26.65
C ASN B 285 -1.26 18.22 27.32
N ALA B 286 0.00 18.54 27.64
CA ALA B 286 0.98 17.52 28.02
C ALA B 286 0.59 16.82 29.33
N ASP B 287 0.96 15.54 29.44
CA ASP B 287 0.85 14.81 30.71
C ASP B 287 -0.57 14.55 31.24
N LYS B 288 -1.56 14.56 30.33
CA LYS B 288 -2.95 14.34 30.70
C LYS B 288 -3.40 12.90 30.51
N GLY B 289 -2.57 12.08 29.89
CA GLY B 289 -2.91 10.67 29.63
C GLY B 289 -4.02 10.50 28.60
N LEU B 290 -4.12 11.46 27.70
CA LEU B 290 -5.14 11.43 26.64
C LEU B 290 -4.86 10.34 25.64
N LYS B 291 -5.94 9.75 25.10
CA LYS B 291 -5.83 8.86 23.96
C LYS B 291 -6.25 9.67 22.75
N ILE B 292 -5.28 9.94 21.86
CA ILE B 292 -5.47 10.81 20.71
C ILE B 292 -5.36 10.00 19.42
N VAL B 293 -6.34 10.15 18.54
CA VAL B 293 -6.37 9.40 17.28
C VAL B 293 -6.22 10.40 16.13
N VAL B 294 -5.29 10.08 15.24
CA VAL B 294 -5.00 10.90 14.08
C VAL B 294 -5.38 10.05 12.85
N LEU B 295 -6.22 10.58 11.95
CA LEU B 295 -6.50 9.88 10.68
C LEU B 295 -5.38 10.17 9.70
N SER B 296 -4.74 9.13 9.18
CA SER B 296 -3.79 9.26 8.07
C SER B 296 -4.56 8.92 6.81
N THR B 297 -4.78 9.90 5.96
CA THR B 297 -5.72 9.74 4.85
C THR B 297 -5.18 8.83 3.75
N ASP B 298 -3.87 8.90 3.50
CA ASP B 298 -3.27 8.06 2.44
C ASP B 298 -1.83 7.70 2.70
N SER B 299 -1.31 6.77 1.92
CA SER B 299 0.10 6.39 2.05
C SER B 299 1.03 7.38 1.31
N GLY B 300 2.30 7.35 1.69
CA GLY B 300 3.29 8.28 1.22
C GLY B 300 3.94 7.92 -0.09
N GLU B 301 3.69 6.71 -0.61
CA GLU B 301 4.36 6.26 -1.84
C GLU B 301 4.05 7.16 -3.04
N LYS B 302 2.89 7.79 -3.07
CA LYS B 302 2.58 8.57 -4.25
C LYS B 302 3.14 9.99 -4.21
N TYR B 303 4.00 10.28 -3.23
CA TYR B 303 4.60 11.59 -3.04
C TYR B 303 6.15 11.57 -3.16
N LEU B 304 6.71 10.47 -3.64
CA LEU B 304 8.17 10.34 -3.80
C LEU B 304 8.72 11.33 -4.85
N SER B 305 7.96 11.60 -5.92
CA SER B 305 8.28 12.66 -6.89
C SER B 305 8.19 14.09 -6.28
N ASN B 306 7.33 14.26 -5.28
CA ASN B 306 7.33 15.48 -4.45
C ASN B 306 8.44 15.40 -3.40
#